data_6VBA
#
_entry.id   6VBA
#
_cell.length_a   73.648
_cell.length_b   54.775
_cell.length_c   59.991
_cell.angle_alpha   90.000
_cell.angle_beta   90.000
_cell.angle_gamma   90.000
#
_symmetry.space_group_name_H-M   'P 21 21 2'
#
loop_
_entity.id
_entity.type
_entity.pdbx_description
1 polymer 'Uracil-DNA glycosylase'
2 non-polymer "3,3'-[(3-carboxy-4-oxocyclohexa-2,5-dien-1-ylidene)methylene]bis(6-hydroxybenzoic acid)"
3 water water
#
_entity_poly.entity_id   1
_entity_poly.type   'polypeptide(L)'
_entity_poly.pdbx_seq_one_letter_code
;MEFFGESWKKHLSGEFGKPYFIKLMGFVAEERKHYTVYPPPHQVFTWTQMCDIKDVKVVILGQDPYHGPNQAHGLCFSVQ
RPVPPPPSLENIYKELSTDIEDFVHPGHGDLSGWAKQGVLLLNAVLTVRAHQANSHKERGWEQFTDAVVSWLNQNSNGLV
FLLWGSYAQKKGSAIDRKRHHVLQTAHPSPLSVYRGFFGCRHFSKTNELLQKSGKKPIDWKEL
;
_entity_poly.pdbx_strand_id   A
#
# COMPACT_ATOMS: atom_id res chain seq x y z
N MET A 1 15.79 11.56 -4.02
CA MET A 1 15.92 12.16 -2.70
C MET A 1 16.21 11.11 -1.64
N GLU A 2 16.35 11.56 -0.38
CA GLU A 2 16.73 10.67 0.70
C GLU A 2 15.63 9.68 1.03
N PHE A 3 16.03 8.46 1.39
CA PHE A 3 15.13 7.38 1.83
C PHE A 3 14.22 6.89 0.70
N PHE A 4 14.71 6.93 -0.53
CA PHE A 4 13.98 6.47 -1.71
C PHE A 4 14.80 5.34 -2.34
N GLY A 5 14.27 4.12 -2.32
CA GLY A 5 14.96 2.95 -2.85
C GLY A 5 15.52 3.17 -4.23
N GLU A 6 16.74 2.69 -4.48
CA GLU A 6 17.47 3.10 -5.69
C GLU A 6 16.75 2.68 -6.96
N SER A 7 16.26 1.44 -7.02
CA SER A 7 15.57 1.00 -8.23
C SER A 7 14.28 1.78 -8.44
N TRP A 8 13.62 2.19 -7.35
CA TRP A 8 12.44 3.04 -7.46
C TRP A 8 12.82 4.44 -7.91
N LYS A 9 13.92 4.97 -7.37
CA LYS A 9 14.38 6.30 -7.75
C LYS A 9 14.76 6.35 -9.23
N LYS A 10 15.36 5.26 -9.73
CA LYS A 10 15.82 5.24 -11.12
C LYS A 10 14.67 5.45 -12.10
N HIS A 11 13.48 4.94 -11.77
CA HIS A 11 12.35 4.99 -12.67
C HIS A 11 11.37 6.12 -12.37
N LEU A 12 11.36 6.65 -11.15
CA LEU A 12 10.36 7.62 -10.74
C LEU A 12 10.92 9.02 -10.47
N SER A 13 12.25 9.20 -10.47
CA SER A 13 12.81 10.50 -10.12
C SER A 13 12.49 11.58 -11.15
N GLY A 14 11.97 11.21 -12.32
CA GLY A 14 11.49 12.21 -13.25
C GLY A 14 10.29 12.98 -12.73
N GLU A 15 9.58 12.41 -11.75
CA GLU A 15 8.48 13.14 -11.14
C GLU A 15 8.98 14.26 -10.22
N PHE A 16 10.17 14.10 -9.65
CA PHE A 16 10.60 14.97 -8.57
C PHE A 16 10.76 16.42 -9.04
N GLY A 17 11.22 16.61 -10.26
CA GLY A 17 11.42 17.94 -10.81
C GLY A 17 10.21 18.56 -11.46
N LYS A 18 9.07 17.87 -11.48
CA LYS A 18 7.88 18.45 -12.07
C LYS A 18 7.24 19.44 -11.11
N PRO A 19 6.62 20.50 -11.64
CA PRO A 19 6.05 21.54 -10.76
C PRO A 19 5.09 21.02 -9.70
N TYR A 20 4.25 20.05 -10.05
CA TYR A 20 3.28 19.55 -9.07
C TYR A 20 3.97 18.90 -7.87
N PHE A 21 5.09 18.20 -8.12
CA PHE A 21 5.80 17.54 -7.02
C PHE A 21 6.58 18.54 -6.18
N ILE A 22 7.19 19.54 -6.83
CA ILE A 22 7.86 20.60 -6.10
C ILE A 22 6.88 21.33 -5.19
N LYS A 23 5.68 21.63 -5.70
CA LYS A 23 4.67 22.28 -4.89
C LYS A 23 4.22 21.36 -3.75
N LEU A 24 4.04 20.07 -4.04
CA LEU A 24 3.69 19.10 -3.01
C LEU A 24 4.71 19.09 -1.89
N MET A 25 6.00 19.10 -2.24
CA MET A 25 7.05 19.07 -1.22
C MET A 25 7.04 20.33 -0.38
N GLY A 26 6.80 21.48 -1.00
CA GLY A 26 6.73 22.72 -0.24
C GLY A 26 5.56 22.75 0.73
N PHE A 27 4.44 22.14 0.34
CA PHE A 27 3.28 22.09 1.22
C PHE A 27 3.54 21.19 2.43
N VAL A 28 4.09 20.00 2.18
CA VAL A 28 4.39 19.08 3.28
C VAL A 28 5.43 19.68 4.21
N ALA A 29 6.47 20.29 3.65
CA ALA A 29 7.49 20.94 4.48
C ALA A 29 6.88 22.03 5.34
N GLU A 30 5.99 22.85 4.76
CA GLU A 30 5.35 23.90 5.55
C GLU A 30 4.43 23.30 6.61
N GLU A 31 3.71 22.23 6.27
CA GLU A 31 2.86 21.57 7.25
C GLU A 31 3.66 21.04 8.42
N ARG A 32 4.85 20.47 8.16
CA ARG A 32 5.68 19.96 9.25
C ARG A 32 6.23 21.07 10.14
N LYS A 33 6.27 22.31 9.66
CA LYS A 33 6.70 23.43 10.51
C LYS A 33 5.73 23.66 11.66
N HIS A 34 4.44 23.43 11.44
CA HIS A 34 3.41 23.81 12.41
C HIS A 34 2.65 22.63 12.99
N TYR A 35 2.69 21.47 12.36
CA TYR A 35 1.91 20.32 12.79
C TYR A 35 2.79 19.09 12.82
N THR A 36 2.39 18.13 13.65
CA THR A 36 2.95 16.79 13.53
C THR A 36 2.34 16.14 12.30
N VAL A 37 3.20 15.68 11.38
CA VAL A 37 2.76 15.07 10.13
C VAL A 37 3.23 13.63 10.12
N TYR A 38 2.32 12.71 9.84
CA TYR A 38 2.64 11.29 9.79
C TYR A 38 2.66 10.81 8.34
N PRO A 39 3.56 9.88 7.99
CA PRO A 39 4.63 9.33 8.86
C PRO A 39 5.80 10.32 8.97
N PRO A 40 6.80 10.02 9.81
CA PRO A 40 8.01 10.85 9.84
C PRO A 40 8.67 10.86 8.47
N PRO A 41 9.45 11.90 8.15
CA PRO A 41 10.03 12.00 6.81
C PRO A 41 10.77 10.77 6.34
N HIS A 42 11.53 10.10 7.21
CA HIS A 42 12.31 8.95 6.78
C HIS A 42 11.45 7.71 6.53
N GLN A 43 10.15 7.76 6.80
CA GLN A 43 9.27 6.63 6.56
C GLN A 43 8.19 6.91 5.53
N VAL A 44 8.19 8.10 4.91
CA VAL A 44 7.20 8.40 3.88
C VAL A 44 7.33 7.43 2.70
N PHE A 45 8.54 6.99 2.39
CA PHE A 45 8.78 6.15 1.23
C PHE A 45 9.30 4.76 1.62
N THR A 46 8.84 4.23 2.76
CA THR A 46 9.23 2.89 3.17
C THR A 46 8.87 1.85 2.11
N TRP A 47 7.80 2.09 1.36
CA TRP A 47 7.35 1.13 0.35
C TRP A 47 8.35 0.99 -0.79
N THR A 48 9.30 1.90 -0.93
CA THR A 48 10.39 1.73 -1.89
C THR A 48 11.60 1.01 -1.31
N GLN A 49 11.60 0.72 -0.01
CA GLN A 49 12.79 0.21 0.66
C GLN A 49 12.75 -1.30 0.91
N MET A 50 11.62 -1.96 0.66
CA MET A 50 11.47 -3.35 1.05
C MET A 50 11.86 -4.34 -0.04
N CYS A 51 11.75 -3.95 -1.31
CA CYS A 51 12.13 -4.82 -2.41
C CYS A 51 12.38 -3.97 -3.64
N ASP A 52 13.11 -4.55 -4.59
CA ASP A 52 13.35 -3.89 -5.87
C ASP A 52 12.03 -3.69 -6.61
N ILE A 53 11.94 -2.62 -7.39
CA ILE A 53 10.68 -2.30 -8.06
C ILE A 53 10.27 -3.40 -9.02
N LYS A 54 11.25 -4.09 -9.61
CA LYS A 54 10.94 -5.18 -10.54
C LYS A 54 10.56 -6.47 -9.84
N ASP A 55 10.73 -6.55 -8.53
CA ASP A 55 10.32 -7.73 -7.78
C ASP A 55 8.91 -7.60 -7.22
N VAL A 56 8.25 -6.46 -7.42
CA VAL A 56 6.86 -6.31 -7.00
C VAL A 56 6.00 -7.31 -7.75
N LYS A 57 5.11 -7.99 -7.02
CA LYS A 57 4.25 -9.02 -7.61
C LYS A 57 2.78 -8.81 -7.26
N VAL A 58 2.52 -8.23 -6.10
CA VAL A 58 1.16 -7.94 -5.63
C VAL A 58 1.09 -6.47 -5.24
N VAL A 59 -0.02 -5.82 -5.54
CA VAL A 59 -0.20 -4.41 -5.22
C VAL A 59 -1.50 -4.24 -4.47
N ILE A 60 -1.43 -3.75 -3.24
CA ILE A 60 -2.60 -3.40 -2.44
C ILE A 60 -2.63 -1.88 -2.33
N LEU A 61 -3.67 -1.27 -2.87
CA LEU A 61 -3.79 0.18 -2.90
C LEU A 61 -4.60 0.67 -1.70
N GLY A 62 -4.03 1.64 -0.97
CA GLY A 62 -4.73 2.30 0.11
C GLY A 62 -5.05 3.74 -0.22
N GLN A 63 -5.62 4.44 0.76
CA GLN A 63 -6.00 5.83 0.60
C GLN A 63 -5.03 6.70 1.37
N ASP A 64 -5.30 7.01 2.66
CA ASP A 64 -4.64 7.91 3.62
C ASP A 64 -3.77 7.12 4.59
N PRO A 65 -2.68 7.69 5.12
CA PRO A 65 -1.96 6.98 6.18
C PRO A 65 -2.75 7.04 7.48
N TYR A 66 -2.43 6.11 8.39
CA TYR A 66 -2.96 6.22 9.74
C TYR A 66 -2.57 7.56 10.33
N HIS A 67 -3.49 8.19 11.06
CA HIS A 67 -3.22 9.53 11.58
C HIS A 67 -3.00 9.57 13.08
N GLY A 68 -2.87 8.41 13.74
CA GLY A 68 -2.54 8.37 15.14
C GLY A 68 -1.05 8.23 15.39
N PRO A 69 -0.61 8.59 16.60
CA PRO A 69 0.83 8.52 16.90
C PRO A 69 1.35 7.08 16.80
N ASN A 70 2.53 6.95 16.22
CA ASN A 70 3.28 5.69 16.09
C ASN A 70 2.60 4.67 15.17
N GLN A 71 1.56 5.05 14.43
CA GLN A 71 0.84 4.11 13.58
C GLN A 71 1.46 4.00 12.19
N ALA A 72 1.32 5.05 11.38
CA ALA A 72 1.80 5.02 10.01
C ALA A 72 3.32 4.96 9.95
N HIS A 73 3.85 4.11 9.05
CA HIS A 73 5.28 4.06 8.83
C HIS A 73 5.61 3.79 7.36
N GLY A 74 4.69 4.14 6.45
CA GLY A 74 4.98 4.11 5.03
C GLY A 74 4.56 2.87 4.28
N LEU A 75 3.83 1.95 4.92
CA LEU A 75 3.22 0.81 4.26
C LEU A 75 1.74 0.82 4.64
N CYS A 76 0.86 0.75 3.64
CA CYS A 76 -0.56 0.85 3.94
C CYS A 76 -0.98 -0.32 4.82
N PHE A 77 -1.87 -0.02 5.78
CA PHE A 77 -2.46 -0.96 6.72
C PHE A 77 -1.49 -1.40 7.83
N SER A 78 -0.20 -1.16 7.65
CA SER A 78 0.81 -1.67 8.59
C SER A 78 1.02 -0.72 9.76
N VAL A 79 1.38 -1.30 10.92
CA VAL A 79 1.80 -0.54 12.10
C VAL A 79 3.02 -1.22 12.71
N GLN A 80 4.00 -0.43 13.14
CA GLN A 80 5.21 -0.99 13.73
C GLN A 80 4.95 -1.46 15.15
N ARG A 81 5.74 -2.43 15.58
CA ARG A 81 5.69 -2.88 16.97
C ARG A 81 5.96 -1.70 17.89
N PRO A 82 5.33 -1.65 19.07
CA PRO A 82 4.38 -2.63 19.60
C PRO A 82 2.93 -2.17 19.45
N VAL A 83 2.64 -1.41 18.39
CA VAL A 83 1.28 -0.88 18.20
C VAL A 83 0.34 -2.02 17.82
N PRO A 84 -0.83 -2.13 18.45
CA PRO A 84 -1.75 -3.21 18.08
C PRO A 84 -2.33 -2.94 16.70
N PRO A 85 -2.66 -3.99 15.94
CA PRO A 85 -3.28 -3.79 14.63
C PRO A 85 -4.58 -3.02 14.74
N PRO A 86 -4.75 -1.96 13.94
CA PRO A 86 -6.02 -1.23 13.93
C PRO A 86 -7.13 -2.09 13.34
N PRO A 87 -8.39 -1.65 13.46
CA PRO A 87 -9.52 -2.53 13.08
C PRO A 87 -9.45 -3.07 11.66
N SER A 88 -9.06 -2.27 10.67
CA SER A 88 -8.96 -2.77 9.30
C SER A 88 -7.96 -3.92 9.21
N LEU A 89 -6.82 -3.80 9.89
CA LEU A 89 -5.82 -4.86 9.80
C LEU A 89 -6.26 -6.11 10.55
N GLU A 90 -6.96 -5.95 11.69
CA GLU A 90 -7.49 -7.12 12.39
C GLU A 90 -8.44 -7.91 11.49
N ASN A 91 -9.25 -7.22 10.70
CA ASN A 91 -10.16 -7.92 9.79
C ASN A 91 -9.38 -8.60 8.67
N ILE A 92 -8.30 -7.98 8.21
CA ILE A 92 -7.42 -8.63 7.24
C ILE A 92 -6.86 -9.92 7.83
N TYR A 93 -6.36 -9.86 9.07
CA TYR A 93 -5.89 -11.07 9.75
C TYR A 93 -7.02 -12.10 9.87
N LYS A 94 -8.22 -11.64 10.19
CA LYS A 94 -9.34 -12.57 10.36
C LYS A 94 -9.66 -13.29 9.04
N GLU A 95 -9.63 -12.55 7.93
CA GLU A 95 -9.86 -13.19 6.64
C GLU A 95 -8.76 -14.20 6.33
N LEU A 96 -7.50 -13.84 6.62
CA LEU A 96 -6.39 -14.77 6.45
C LEU A 96 -6.59 -16.05 7.24
N SER A 97 -7.21 -15.96 8.42
CA SER A 97 -7.35 -17.14 9.28
C SER A 97 -8.24 -18.20 8.63
N THR A 98 -9.19 -17.78 7.80
CA THR A 98 -10.05 -18.72 7.08
C THR A 98 -9.58 -18.96 5.64
N ASP A 99 -8.68 -18.13 5.12
CA ASP A 99 -8.24 -18.23 3.74
C ASP A 99 -6.93 -18.99 3.57
N ILE A 100 -6.01 -18.87 4.52
CA ILE A 100 -4.66 -19.42 4.39
C ILE A 100 -4.47 -20.48 5.47
N GLU A 101 -3.98 -21.65 5.07
CA GLU A 101 -3.85 -22.76 6.00
C GLU A 101 -2.84 -22.44 7.11
N ASP A 102 -3.27 -22.65 8.35
CA ASP A 102 -2.44 -22.45 9.54
C ASP A 102 -1.90 -21.03 9.65
N PHE A 103 -2.65 -20.04 9.18
CA PHE A 103 -2.22 -18.67 9.38
C PHE A 103 -2.21 -18.35 10.87
N VAL A 104 -1.17 -17.65 11.33
CA VAL A 104 -1.03 -17.29 12.73
C VAL A 104 -1.05 -15.76 12.83
N HIS A 105 -2.01 -15.25 13.58
CA HIS A 105 -2.03 -13.86 14.01
C HIS A 105 -0.81 -13.63 14.88
N PRO A 106 0.16 -12.83 14.44
CA PRO A 106 1.41 -12.71 15.19
C PRO A 106 1.35 -11.74 16.36
N GLY A 107 0.20 -11.11 16.60
CA GLY A 107 0.07 -10.11 17.66
C GLY A 107 0.37 -8.71 17.19
N HIS A 108 1.44 -8.54 16.42
CA HIS A 108 1.82 -7.24 15.88
C HIS A 108 1.19 -7.04 14.50
N GLY A 109 1.25 -5.80 14.03
CA GLY A 109 0.70 -5.43 12.75
C GLY A 109 1.73 -4.93 11.74
N ASP A 110 2.99 -5.34 11.90
CA ASP A 110 4.04 -4.95 10.98
C ASP A 110 4.00 -5.85 9.76
N LEU A 111 3.70 -5.28 8.59
CA LEU A 111 3.56 -6.04 7.36
C LEU A 111 4.83 -6.03 6.52
N SER A 112 5.99 -5.72 7.14
CA SER A 112 7.24 -5.70 6.39
C SER A 112 7.56 -7.06 5.78
N GLY A 113 7.19 -8.15 6.43
CA GLY A 113 7.44 -9.47 5.87
C GLY A 113 6.75 -9.69 4.55
N TRP A 114 5.57 -9.09 4.35
CA TRP A 114 4.91 -9.15 3.05
C TRP A 114 5.63 -8.28 2.02
N ALA A 115 5.97 -7.05 2.41
CA ALA A 115 6.58 -6.12 1.48
C ALA A 115 7.88 -6.67 0.91
N LYS A 116 8.68 -7.35 1.74
CA LYS A 116 9.93 -7.93 1.26
C LYS A 116 9.70 -9.06 0.26
N GLN A 117 8.52 -9.67 0.28
CA GLN A 117 8.20 -10.71 -0.70
C GLN A 117 7.64 -10.15 -2.00
N GLY A 118 7.53 -8.83 -2.12
CA GLY A 118 7.00 -8.22 -3.33
C GLY A 118 5.55 -7.80 -3.25
N VAL A 119 5.01 -7.63 -2.05
CA VAL A 119 3.67 -7.10 -1.86
C VAL A 119 3.81 -5.60 -1.64
N LEU A 120 3.42 -4.81 -2.64
CA LEU A 120 3.49 -3.36 -2.53
C LEU A 120 2.29 -2.85 -1.75
N LEU A 121 2.54 -2.12 -0.67
CA LEU A 121 1.50 -1.61 0.20
C LEU A 121 1.47 -0.08 0.07
N LEU A 122 0.84 0.38 -1.02
CA LEU A 122 0.94 1.77 -1.46
C LEU A 122 -0.32 2.54 -1.09
N ASN A 123 -0.18 3.53 -0.24
CA ASN A 123 -1.25 4.50 -0.03
C ASN A 123 -1.29 5.50 -1.19
N ALA A 124 -2.49 6.02 -1.47
CA ALA A 124 -2.62 7.01 -2.54
C ALA A 124 -2.10 8.36 -2.08
N VAL A 125 -2.32 8.71 -0.82
CA VAL A 125 -1.80 9.91 -0.19
C VAL A 125 -0.81 9.45 0.88
N LEU A 126 0.40 10.01 0.85
CA LEU A 126 1.51 9.46 1.61
C LEU A 126 1.84 10.22 2.89
N THR A 127 1.16 11.34 3.16
CA THR A 127 1.31 12.02 4.45
C THR A 127 -0.07 12.43 4.96
N VAL A 128 -0.14 12.70 6.25
CA VAL A 128 -1.38 13.18 6.85
C VAL A 128 -1.02 14.01 8.08
N ARG A 129 -1.76 15.10 8.29
CA ARG A 129 -1.61 15.86 9.52
C ARG A 129 -2.16 15.06 10.68
N ALA A 130 -1.46 15.11 11.82
CA ALA A 130 -1.82 14.30 12.97
C ALA A 130 -3.28 14.51 13.35
N HIS A 131 -3.98 13.40 13.57
CA HIS A 131 -5.35 13.35 14.08
C HIS A 131 -6.39 13.91 13.11
N GLN A 132 -6.02 14.18 11.85
CA GLN A 132 -6.94 14.78 10.88
C GLN A 132 -6.87 13.97 9.60
N ALA A 133 -7.72 12.95 9.51
CA ALA A 133 -7.75 12.09 8.33
C ALA A 133 -8.05 12.89 7.07
N ASN A 134 -7.40 12.49 5.97
CA ASN A 134 -7.56 13.08 4.63
C ASN A 134 -7.09 14.53 4.56
N SER A 135 -6.35 15.01 5.56
CA SER A 135 -5.98 16.41 5.61
C SER A 135 -4.99 16.82 4.51
N HIS A 136 -4.23 15.87 3.96
CA HIS A 136 -3.29 16.19 2.89
C HIS A 136 -3.76 15.69 1.53
N LYS A 137 -5.06 15.40 1.39
CA LYS A 137 -5.57 14.97 0.10
C LYS A 137 -5.49 16.11 -0.92
N GLU A 138 -5.46 15.72 -2.19
CA GLU A 138 -5.59 16.66 -3.31
C GLU A 138 -4.51 17.75 -3.26
N ARG A 139 -3.29 17.33 -2.96
CA ARG A 139 -2.16 18.25 -2.88
C ARG A 139 -1.02 17.84 -3.81
N GLY A 140 -1.13 16.72 -4.52
CA GLY A 140 -0.05 16.26 -5.36
C GLY A 140 0.27 14.79 -5.17
N TRP A 141 -0.03 14.25 -3.98
CA TRP A 141 0.30 12.85 -3.70
C TRP A 141 -0.41 11.91 -4.67
N GLU A 142 -1.69 12.19 -4.96
CA GLU A 142 -2.46 11.30 -5.81
C GLU A 142 -1.86 11.19 -7.20
N GLN A 143 -1.42 12.32 -7.76
CA GLN A 143 -0.77 12.30 -9.06
C GLN A 143 0.53 11.51 -9.01
N PHE A 144 1.29 11.64 -7.92
CA PHE A 144 2.52 10.88 -7.80
C PHE A 144 2.25 9.39 -7.72
N THR A 145 1.35 8.97 -6.82
CA THR A 145 1.07 7.55 -6.71
C THR A 145 0.34 7.02 -7.94
N ASP A 146 -0.40 7.89 -8.65
CA ASP A 146 -0.88 7.52 -9.98
C ASP A 146 0.28 7.18 -10.91
N ALA A 147 1.38 7.93 -10.83
CA ALA A 147 2.53 7.65 -11.67
C ALA A 147 3.15 6.30 -11.31
N VAL A 148 3.14 5.96 -10.02
CA VAL A 148 3.66 4.66 -9.59
C VAL A 148 2.80 3.53 -10.16
N VAL A 149 1.48 3.63 -9.98
CA VAL A 149 0.58 2.62 -10.53
C VAL A 149 0.73 2.54 -12.04
N SER A 150 0.85 3.69 -12.70
CA SER A 150 0.97 3.70 -14.16
C SER A 150 2.27 3.05 -14.62
N TRP A 151 3.36 3.28 -13.89
CA TRP A 151 4.62 2.65 -14.25
C TRP A 151 4.53 1.13 -14.13
N LEU A 152 3.99 0.64 -13.01
CA LEU A 152 3.82 -0.80 -12.83
C LEU A 152 2.91 -1.38 -13.91
N ASN A 153 1.82 -0.67 -14.23
CA ASN A 153 0.91 -1.14 -15.26
C ASN A 153 1.61 -1.30 -16.60
N GLN A 154 2.46 -0.34 -16.95
CA GLN A 154 3.11 -0.37 -18.26
C GLN A 154 4.33 -1.27 -18.31
N ASN A 155 5.04 -1.43 -17.19
CA ASN A 155 6.36 -2.04 -17.22
C ASN A 155 6.42 -3.43 -16.62
N SER A 156 5.58 -3.74 -15.64
CA SER A 156 5.57 -5.08 -15.06
C SER A 156 4.64 -5.98 -15.85
N ASN A 157 4.58 -7.26 -15.47
CA ASN A 157 3.73 -8.23 -16.16
C ASN A 157 3.15 -9.21 -15.16
N GLY A 158 1.85 -9.43 -15.24
CA GLY A 158 1.20 -10.42 -14.39
C GLY A 158 1.12 -10.03 -12.93
N LEU A 159 1.08 -8.74 -12.63
CA LEU A 159 0.85 -8.31 -11.26
C LEU A 159 -0.57 -8.66 -10.84
N VAL A 160 -0.76 -8.84 -9.53
CA VAL A 160 -2.08 -9.01 -8.94
C VAL A 160 -2.38 -7.75 -8.15
N PHE A 161 -3.41 -7.01 -8.57
CA PHE A 161 -3.86 -5.82 -7.86
C PHE A 161 -5.06 -6.18 -6.99
N LEU A 162 -4.97 -5.86 -5.71
CA LEU A 162 -6.05 -6.08 -4.75
C LEU A 162 -6.67 -4.73 -4.44
N LEU A 163 -7.90 -4.52 -4.91
CA LEU A 163 -8.57 -3.21 -4.85
C LEU A 163 -9.76 -3.31 -3.89
N TRP A 164 -9.56 -2.81 -2.67
CA TRP A 164 -10.53 -2.95 -1.59
C TRP A 164 -11.23 -1.62 -1.37
N GLY A 165 -12.52 -1.56 -1.67
CA GLY A 165 -13.29 -0.35 -1.48
C GLY A 165 -13.30 0.54 -2.72
N SER A 166 -14.17 1.56 -2.67
CA SER A 166 -14.43 2.40 -3.83
C SER A 166 -13.21 3.20 -4.26
N TYR A 167 -12.50 3.78 -3.29
CA TYR A 167 -11.36 4.62 -3.62
C TYR A 167 -10.28 3.83 -4.34
N ALA A 168 -9.92 2.66 -3.81
CA ALA A 168 -8.90 1.83 -4.44
C ALA A 168 -9.34 1.35 -5.81
N GLN A 169 -10.61 0.96 -5.95
CA GLN A 169 -11.10 0.48 -7.24
C GLN A 169 -11.06 1.57 -8.29
N LYS A 170 -11.27 2.83 -7.89
CA LYS A 170 -11.11 3.93 -8.84
C LYS A 170 -9.65 4.13 -9.22
N LYS A 171 -8.75 4.09 -8.24
CA LYS A 171 -7.34 4.31 -8.52
C LYS A 171 -6.77 3.27 -9.47
N GLY A 172 -7.26 2.03 -9.38
CA GLY A 172 -6.79 0.98 -10.26
C GLY A 172 -7.68 0.71 -11.45
N SER A 173 -8.56 1.66 -11.79
CA SER A 173 -9.56 1.41 -12.83
C SER A 173 -8.97 1.38 -14.23
N ALA A 174 -7.75 1.86 -14.43
CA ALA A 174 -7.14 1.88 -15.76
C ALA A 174 -6.13 0.75 -15.95
N ILE A 175 -6.00 -0.15 -14.98
CA ILE A 175 -5.04 -1.24 -15.11
C ILE A 175 -5.44 -2.16 -16.26
N ASP A 176 -4.46 -2.53 -17.09
CA ASP A 176 -4.67 -3.44 -18.21
C ASP A 176 -4.98 -4.83 -17.67
N ARG A 177 -6.22 -5.28 -17.88
CA ARG A 177 -6.65 -6.57 -17.33
C ARG A 177 -6.23 -7.77 -18.18
N LYS A 178 -5.69 -7.55 -19.37
CA LYS A 178 -5.07 -8.65 -20.10
C LYS A 178 -3.62 -8.86 -19.70
N ARG A 179 -2.97 -7.83 -19.17
CA ARG A 179 -1.59 -7.90 -18.72
C ARG A 179 -1.44 -8.19 -17.24
N HIS A 180 -2.41 -7.76 -16.42
CA HIS A 180 -2.36 -7.93 -14.98
C HIS A 180 -3.68 -8.50 -14.48
N HIS A 181 -3.68 -8.93 -13.22
CA HIS A 181 -4.86 -9.48 -12.56
C HIS A 181 -5.41 -8.45 -11.60
N VAL A 182 -6.74 -8.28 -11.60
CA VAL A 182 -7.40 -7.34 -10.71
C VAL A 182 -8.49 -8.07 -9.94
N LEU A 183 -8.35 -8.11 -8.62
CA LEU A 183 -9.37 -8.64 -7.72
C LEU A 183 -9.94 -7.48 -6.91
N GLN A 184 -11.27 -7.43 -6.81
CA GLN A 184 -11.94 -6.29 -6.20
C GLN A 184 -12.95 -6.76 -5.16
N THR A 185 -13.02 -6.06 -4.04
CA THR A 185 -14.05 -6.33 -3.04
C THR A 185 -14.20 -5.09 -2.17
N ALA A 186 -14.97 -5.23 -1.09
CA ALA A 186 -15.18 -4.13 -0.15
C ALA A 186 -13.93 -3.88 0.70
N HIS A 187 -13.93 -2.73 1.35
CA HIS A 187 -12.82 -2.37 2.22
C HIS A 187 -12.88 -3.16 3.53
N PRO A 188 -11.74 -3.59 4.07
CA PRO A 188 -11.76 -4.40 5.31
C PRO A 188 -12.13 -3.62 6.56
N SER A 189 -12.34 -2.31 6.44
CA SER A 189 -12.78 -1.51 7.58
C SER A 189 -14.09 -2.08 8.15
N PRO A 190 -14.27 -2.00 9.48
CA PRO A 190 -15.52 -2.49 10.08
C PRO A 190 -16.77 -1.90 9.45
N LEU A 191 -16.64 -0.70 8.85
CA LEU A 191 -17.76 -0.06 8.19
C LEU A 191 -18.24 -0.84 6.97
N SER A 192 -17.38 -1.65 6.35
CA SER A 192 -17.74 -2.29 5.10
C SER A 192 -17.24 -3.72 4.97
N VAL A 193 -16.59 -4.28 6.00
CA VAL A 193 -15.96 -5.59 5.86
C VAL A 193 -16.98 -6.68 5.57
N TYR A 194 -18.20 -6.56 6.12
CA TYR A 194 -19.23 -7.55 5.88
C TYR A 194 -19.92 -7.36 4.54
N ARG A 195 -19.49 -6.38 3.74
CA ARG A 195 -20.05 -6.12 2.42
C ARG A 195 -19.25 -6.78 1.31
N GLY A 196 -18.44 -7.79 1.63
CA GLY A 196 -17.73 -8.52 0.61
C GLY A 196 -16.34 -8.95 0.98
N PHE A 197 -15.67 -8.21 1.88
CA PHE A 197 -14.30 -8.55 2.21
C PHE A 197 -14.21 -9.91 2.89
N PHE A 198 -15.01 -10.13 3.92
CA PHE A 198 -15.04 -11.44 4.55
C PHE A 198 -15.52 -12.48 3.55
N GLY A 199 -14.72 -13.51 3.33
CA GLY A 199 -15.00 -14.50 2.32
C GLY A 199 -14.42 -14.23 0.95
N CYS A 200 -13.75 -13.08 0.74
CA CYS A 200 -13.23 -12.77 -0.59
C CYS A 200 -12.09 -13.70 -0.98
N ARG A 201 -11.35 -14.22 0.00
CA ARG A 201 -10.26 -15.18 -0.25
C ARG A 201 -9.20 -14.63 -1.19
N HIS A 202 -8.94 -13.32 -1.12
CA HIS A 202 -8.02 -12.69 -2.07
C HIS A 202 -6.59 -13.21 -1.93
N PHE A 203 -6.21 -13.66 -0.74
CA PHE A 203 -4.81 -14.03 -0.52
C PHE A 203 -4.47 -15.37 -1.15
N SER A 204 -5.35 -16.37 -1.00
CA SER A 204 -5.14 -17.64 -1.70
C SER A 204 -5.35 -17.48 -3.20
N LYS A 205 -6.32 -16.66 -3.61
CA LYS A 205 -6.53 -16.39 -5.03
C LYS A 205 -5.31 -15.74 -5.65
N THR A 206 -4.65 -14.85 -4.91
CA THR A 206 -3.45 -14.19 -5.40
C THR A 206 -2.36 -15.19 -5.70
N ASN A 207 -2.12 -16.12 -4.77
CA ASN A 207 -1.03 -17.09 -4.94
C ASN A 207 -1.32 -18.05 -6.09
N GLU A 208 -2.58 -18.45 -6.27
CA GLU A 208 -2.89 -19.29 -7.42
C GLU A 208 -2.61 -18.56 -8.73
N LEU A 209 -2.99 -17.28 -8.79
CA LEU A 209 -2.69 -16.48 -9.97
C LEU A 209 -1.18 -16.35 -10.18
N LEU A 210 -0.43 -16.13 -9.10
CA LEU A 210 1.02 -16.01 -9.22
C LEU A 210 1.64 -17.29 -9.74
N GLN A 211 1.25 -18.43 -9.16
CA GLN A 211 1.85 -19.71 -9.55
C GLN A 211 1.50 -20.06 -10.99
N LYS A 212 0.26 -19.77 -11.42
CA LYS A 212 -0.12 -20.08 -12.79
C LYS A 212 0.70 -19.30 -13.80
N SER A 213 1.22 -18.13 -13.41
CA SER A 213 2.11 -17.35 -14.24
C SER A 213 3.58 -17.63 -13.97
N GLY A 214 3.89 -18.74 -13.30
CA GLY A 214 5.27 -19.12 -13.08
C GLY A 214 6.02 -18.27 -12.08
N LYS A 215 5.32 -17.66 -11.13
CA LYS A 215 5.95 -16.86 -10.10
C LYS A 215 5.81 -17.53 -8.74
N LYS A 216 6.73 -17.21 -7.85
CA LYS A 216 6.72 -17.76 -6.50
C LYS A 216 5.60 -17.11 -5.69
N PRO A 217 4.77 -17.90 -5.00
CA PRO A 217 3.65 -17.31 -4.24
C PRO A 217 4.12 -16.60 -2.99
N ILE A 218 3.26 -15.73 -2.48
CA ILE A 218 3.50 -15.04 -1.21
C ILE A 218 3.23 -16.01 -0.07
N ASP A 219 4.11 -16.03 0.92
CA ASP A 219 3.80 -16.68 2.19
C ASP A 219 3.19 -15.62 3.09
N TRP A 220 1.85 -15.57 3.13
CA TRP A 220 1.16 -14.59 3.97
C TRP A 220 1.43 -14.82 5.45
N LYS A 221 1.96 -15.98 5.82
CA LYS A 221 2.28 -16.25 7.23
C LYS A 221 3.61 -15.64 7.64
N GLU A 222 4.45 -15.26 6.69
CA GLU A 222 5.80 -14.77 6.98
C GLU A 222 5.71 -13.31 7.37
N LEU A 223 5.48 -13.08 8.66
CA LEU A 223 5.33 -11.73 9.21
C LEU A 223 6.20 -11.57 10.45
#